data_6M73
#
_entry.id   6M73
#
_cell.length_a   137.960
_cell.length_b   137.960
_cell.length_c   127.800
_cell.angle_alpha   90.000
_cell.angle_beta   90.000
_cell.angle_gamma   90.000
#
_symmetry.space_group_name_H-M   'I 4 2 2'
#
loop_
_entity.id
_entity.type
_entity.pdbx_description
1 polymer 'L-lactate oxidase'
2 non-polymer 1-DEOXY-1-(7,8-DIMETHYL-2,4-DIOXO-3,4-DIHYDRO-2H-BENZO[G]PTERIDIN-1-ID-10(5H)-YL)-5-O-PHOSPHONATO-D-RIBITOL
3 non-polymer 'LACTIC ACID'
4 non-polymer 'PYRUVIC ACID'
5 non-polymer 'TRIETHYLENE GLYCOL'
6 non-polymer 2-AMINO-2-HYDROXYMETHYL-PROPANE-1,3-DIOL
7 non-polymer 1,2-ETHANEDIOL
8 water water
#
_entity_poly.entity_id   1
_entity_poly.type   'polypeptide(L)'
_entity_poly.pdbx_seq_one_letter_code
;MEKVYQAGTHEGMIDFINMEDLELAATQVIPSGGYGYISSGAGDLFTYRENQKAFNHQLVIPHVLKDVELPDTTTYFSDE
TLAAPIIMAPVAAHGLAHEQAEKASAKGVSEFGTIYTASSYASCTLEEIRAAGGPEAPQWFQFYMSKDDGINLDILEMAK
RNGAKAVVLTADATVGGNRETDRRNGFTFPLPMPIVQAYQSGVGQTMDAVYKSSKQKLSPKDIEFITTHSELPVYVKGVQ
SEDDVYRSLDAGAQGIWVSNHGGRQLDGGPASFDSLRYVAEAVDKRVPIVFDSGVRRGQHIFKAIASGADLVAIGRPAIY
GLSLGGSTGIKQVFDFFKTELEMVMQLAGTQTVEDIKNAKLRENRFMC
;
_entity_poly.pdbx_strand_id   A
#
loop_
_chem_comp.id
_chem_comp.type
_chem_comp.name
_chem_comp.formula
EDO non-polymer 1,2-ETHANEDIOL 'C2 H6 O2'
FNR non-polymer 1-DEOXY-1-(7,8-DIMETHYL-2,4-DIOXO-3,4-DIHYDRO-2H-BENZO[G]PTERIDIN-1-ID-10(5H)-YL)-5-O-PHOSPHONATO-D-RIBITOL 'C17 H23 N4 O9 P'
LAC non-polymer 'LACTIC ACID' 'C3 H6 O3'
PGE non-polymer 'TRIETHYLENE GLYCOL' 'C6 H14 O4'
PYR non-polymer 'PYRUVIC ACID' 'C3 H4 O3'
TRS non-polymer 2-AMINO-2-HYDROXYMETHYL-PROPANE-1,3-DIOL 'C4 H12 N O3 1'
#
# COMPACT_ATOMS: atom_id res chain seq x y z
N VAL A 4 -8.15 28.43 -0.48
CA VAL A 4 -7.79 27.48 -1.56
C VAL A 4 -6.71 26.54 -1.03
N TYR A 5 -6.83 25.24 -1.30
CA TYR A 5 -5.82 24.22 -0.90
C TYR A 5 -4.72 24.17 -1.95
N GLN A 6 -3.48 24.48 -1.55
CA GLN A 6 -2.29 24.52 -2.44
C GLN A 6 -1.28 23.46 -1.98
N ALA A 7 -1.11 22.40 -2.77
CA ALA A 7 -0.16 21.30 -2.52
C ALA A 7 1.17 21.58 -3.24
N GLY A 8 2.08 20.59 -3.21
CA GLY A 8 3.41 20.69 -3.86
C GLY A 8 3.26 20.92 -5.35
N THR A 9 4.22 21.62 -5.97
CA THR A 9 4.20 21.91 -7.42
C THR A 9 5.52 21.53 -8.10
N HIS A 10 6.56 21.18 -7.34
CA HIS A 10 7.90 20.90 -7.91
C HIS A 10 7.92 19.57 -8.67
N GLU A 11 8.55 19.57 -9.84
CA GLU A 11 8.84 18.34 -10.61
C GLU A 11 10.36 18.27 -10.82
N GLY A 12 11.03 17.36 -10.11
CA GLY A 12 12.48 17.19 -10.24
C GLY A 12 13.11 16.50 -9.04
N MET A 13 14.44 16.42 -9.05
CA MET A 13 15.21 15.63 -8.06
C MET A 13 15.11 16.30 -6.69
N ILE A 14 14.95 15.48 -5.65
CA ILE A 14 14.83 15.96 -4.25
C ILE A 14 16.05 15.47 -3.46
N ASP A 15 16.39 16.19 -2.40
CA ASP A 15 17.56 15.92 -1.51
C ASP A 15 17.06 15.28 -0.22
N PHE A 16 17.40 14.03 0.03
CA PHE A 16 17.10 13.33 1.31
C PHE A 16 18.16 12.26 1.56
N ILE A 17 18.30 11.87 2.83
CA ILE A 17 19.17 10.74 3.25
C ILE A 17 18.29 9.51 3.44
N ASN A 18 17.29 9.60 4.32
CA ASN A 18 16.42 8.44 4.63
C ASN A 18 14.95 8.90 4.68
N MET A 19 14.04 7.99 5.00
CA MET A 19 12.59 8.29 4.95
C MET A 19 12.19 9.20 6.12
N GLU A 20 12.99 9.29 7.20
CA GLU A 20 12.67 10.15 8.37
CA GLU A 20 12.69 10.14 8.38
C GLU A 20 12.87 11.62 7.99
N ASP A 21 14.00 11.97 7.37
CA ASP A 21 14.23 13.40 7.00
C ASP A 21 13.31 13.76 5.83
N LEU A 22 12.95 12.78 4.99
CA LEU A 22 11.97 13.02 3.88
C LEU A 22 10.61 13.40 4.48
N GLU A 23 10.13 12.64 5.46
CA GLU A 23 8.84 12.90 6.18
C GLU A 23 8.87 14.31 6.76
N LEU A 24 9.98 14.73 7.40
CA LEU A 24 10.10 16.08 8.00
C LEU A 24 10.08 17.15 6.90
N ALA A 25 10.81 16.95 5.80
CA ALA A 25 10.92 17.93 4.69
C ALA A 25 9.54 18.20 4.08
N ALA A 26 8.67 17.19 4.03
CA ALA A 26 7.34 17.30 3.39
C ALA A 26 6.47 18.32 4.15
N THR A 27 6.76 18.58 5.43
CA THR A 27 5.99 19.55 6.24
C THR A 27 6.10 20.95 5.64
N GLN A 28 7.10 21.19 4.79
CA GLN A 28 7.37 22.54 4.22
C GLN A 28 6.46 22.78 3.00
N VAL A 29 5.88 21.74 2.40
CA VAL A 29 5.12 21.89 1.12
C VAL A 29 3.67 21.39 1.24
N ILE A 30 3.34 20.55 2.23
CA ILE A 30 1.96 20.05 2.42
C ILE A 30 1.27 20.90 3.49
N PRO A 31 0.12 21.53 3.18
CA PRO A 31 -0.64 22.29 4.17
C PRO A 31 -0.86 21.46 5.45
N SER A 32 -0.85 22.12 6.59
CA SER A 32 -0.87 21.51 7.94
C SER A 32 -1.96 20.42 8.05
N GLY A 33 -3.19 20.71 7.62
CA GLY A 33 -4.32 19.78 7.76
C GLY A 33 -4.12 18.52 6.91
N GLY A 34 -3.70 18.69 5.66
CA GLY A 34 -3.34 17.57 4.77
C GLY A 34 -2.18 16.76 5.33
N TYR A 35 -1.18 17.42 5.90
CA TYR A 35 0.02 16.73 6.45
C TYR A 35 -0.41 15.85 7.63
N GLY A 36 -1.26 16.39 8.51
CA GLY A 36 -1.85 15.65 9.66
C GLY A 36 -2.63 14.43 9.19
N TYR A 37 -3.43 14.58 8.13
CA TYR A 37 -4.24 13.48 7.56
C TYR A 37 -3.32 12.35 7.08
N ILE A 38 -2.23 12.70 6.40
CA ILE A 38 -1.28 11.71 5.82
C ILE A 38 -0.45 11.06 6.93
N SER A 39 0.09 11.85 7.85
CA SER A 39 1.21 11.43 8.75
C SER A 39 0.71 10.67 9.99
N SER A 40 -0.52 10.87 10.45
CA SER A 40 -0.89 10.33 11.79
C SER A 40 -1.72 9.04 11.68
N GLY A 41 -2.22 8.58 12.82
CA GLY A 41 -2.86 7.27 12.95
C GLY A 41 -3.93 7.28 14.03
N ALA A 42 -4.39 6.11 14.42
CA ALA A 42 -5.57 5.93 15.29
C ALA A 42 -5.19 5.96 16.77
N GLY A 43 -6.08 6.51 17.58
CA GLY A 43 -6.06 6.42 19.05
C GLY A 43 -4.76 6.93 19.64
N ASP A 44 -4.13 6.09 20.48
CA ASP A 44 -2.89 6.44 21.23
C ASP A 44 -1.65 6.10 20.39
N LEU A 45 -1.82 5.63 19.16
CA LEU A 45 -0.72 5.36 18.18
C LEU A 45 0.16 4.18 18.62
N PHE A 46 -0.32 3.30 19.50
CA PHE A 46 0.41 2.05 19.86
C PHE A 46 0.69 1.23 18.58
N THR A 47 -0.36 0.93 17.82
CA THR A 47 -0.28 -0.01 16.66
C THR A 47 0.60 0.66 15.59
N TYR A 48 0.39 1.96 15.36
CA TYR A 48 1.18 2.76 14.38
CA TYR A 48 1.18 2.79 14.40
C TYR A 48 2.67 2.68 14.73
N ARG A 49 3.04 2.94 15.98
CA ARG A 49 4.47 2.91 16.37
C ARG A 49 5.01 1.48 16.27
N GLU A 50 4.19 0.49 16.64
CA GLU A 50 4.65 -0.93 16.69
C GLU A 50 4.99 -1.41 15.27
N ASN A 51 4.34 -0.89 14.24
CA ASN A 51 4.56 -1.34 12.84
C ASN A 51 6.04 -1.25 12.50
N GLN A 52 6.68 -0.12 12.78
CA GLN A 52 8.08 0.09 12.35
C GLN A 52 9.02 -0.65 13.32
N LYS A 53 8.69 -0.68 14.60
CA LYS A 53 9.52 -1.38 15.63
C LYS A 53 9.56 -2.89 15.34
N ALA A 54 8.47 -3.45 14.82
CA ALA A 54 8.24 -4.91 14.75
C ALA A 54 9.27 -5.57 13.83
N PHE A 55 9.86 -4.83 12.88
CA PHE A 55 10.83 -5.43 11.93
C PHE A 55 12.06 -5.95 12.68
N ASN A 56 12.37 -5.43 13.87
CA ASN A 56 13.53 -5.96 14.65
C ASN A 56 13.05 -7.02 15.66
N HIS A 57 11.81 -7.51 15.57
CA HIS A 57 11.35 -8.74 16.26
C HIS A 57 12.02 -9.98 15.65
N GLN A 58 12.45 -9.87 14.39
CA GLN A 58 13.12 -10.96 13.64
C GLN A 58 14.42 -10.37 13.08
N LEU A 59 15.52 -11.11 13.17
CA LEU A 59 16.86 -10.56 12.86
C LEU A 59 17.39 -11.22 11.58
N VAL A 60 17.92 -10.42 10.65
CA VAL A 60 18.52 -10.94 9.39
C VAL A 60 19.97 -11.33 9.67
N ILE A 61 20.33 -12.56 9.30
CA ILE A 61 21.71 -13.09 9.48
C ILE A 61 22.55 -12.61 8.30
N PRO A 62 23.64 -11.85 8.51
CA PRO A 62 24.57 -11.50 7.44
C PRO A 62 25.49 -12.70 7.18
N HIS A 63 25.06 -13.61 6.31
CA HIS A 63 25.80 -14.85 5.96
C HIS A 63 27.08 -14.46 5.22
N VAL A 64 28.06 -15.35 5.22
CA VAL A 64 29.36 -15.13 4.55
C VAL A 64 29.68 -16.28 3.60
N LEU A 65 30.54 -16.01 2.63
CA LEU A 65 31.04 -16.98 1.62
C LEU A 65 29.86 -17.55 0.81
N LYS A 66 28.88 -16.71 0.46
CA LYS A 66 27.64 -17.16 -0.21
C LYS A 66 27.74 -17.07 -1.73
N ASP A 67 28.89 -16.68 -2.28
CA ASP A 67 29.15 -16.70 -3.75
C ASP A 67 28.14 -15.81 -4.48
N VAL A 68 27.93 -14.58 -3.99
CA VAL A 68 26.94 -13.61 -4.52
C VAL A 68 27.66 -12.32 -4.95
N GLU A 69 27.25 -11.76 -6.10
CA GLU A 69 27.58 -10.36 -6.50
C GLU A 69 26.49 -9.87 -7.45
N LEU A 70 26.28 -8.55 -7.51
CA LEU A 70 25.27 -7.89 -8.38
C LEU A 70 23.91 -8.55 -8.16
N PRO A 71 23.38 -8.53 -6.91
CA PRO A 71 22.08 -9.12 -6.63
C PRO A 71 21.01 -8.49 -7.53
N ASP A 72 20.05 -9.31 -7.97
CA ASP A 72 19.02 -8.96 -8.98
C ASP A 72 17.65 -8.90 -8.29
N THR A 73 17.05 -7.72 -8.21
CA THR A 73 15.70 -7.49 -7.61
C THR A 73 14.60 -7.74 -8.65
N THR A 74 14.94 -8.08 -9.89
CA THR A 74 13.92 -8.31 -10.96
C THR A 74 12.91 -9.35 -10.44
N THR A 75 11.62 -9.06 -10.54
CA THR A 75 10.54 -9.90 -9.97
C THR A 75 9.55 -10.30 -11.08
N TYR A 76 9.43 -11.60 -11.33
CA TYR A 76 8.43 -12.19 -12.25
C TYR A 76 7.18 -12.51 -11.43
N PHE A 77 6.10 -11.78 -11.71
CA PHE A 77 4.83 -11.88 -10.96
C PHE A 77 3.70 -11.96 -12.00
N SER A 78 2.99 -13.07 -12.04
CA SER A 78 2.01 -13.35 -13.12
C SER A 78 2.75 -13.19 -14.46
N ASP A 79 2.23 -12.41 -15.38
CA ASP A 79 2.90 -12.15 -16.68
C ASP A 79 3.64 -10.81 -16.63
N GLU A 80 3.89 -10.26 -15.44
CA GLU A 80 4.58 -8.95 -15.27
C GLU A 80 6.07 -9.18 -15.00
N THR A 81 6.91 -8.24 -15.40
CA THR A 81 8.34 -8.17 -15.02
C THR A 81 8.55 -6.85 -14.28
N LEU A 82 8.72 -6.91 -12.96
CA LEU A 82 8.86 -5.69 -12.11
C LEU A 82 10.35 -5.43 -11.83
N ALA A 83 10.71 -4.15 -11.67
CA ALA A 83 12.09 -3.71 -11.36
C ALA A 83 12.54 -4.30 -10.02
N ALA A 84 11.58 -4.47 -9.10
CA ALA A 84 11.82 -4.90 -7.70
C ALA A 84 10.50 -5.38 -7.13
N PRO A 85 10.51 -6.20 -6.05
CA PRO A 85 9.28 -6.73 -5.45
C PRO A 85 8.60 -5.72 -4.52
N ILE A 86 8.46 -4.51 -5.05
CA ILE A 86 8.06 -3.28 -4.31
C ILE A 86 7.00 -2.57 -5.15
N ILE A 87 5.82 -2.34 -4.59
CA ILE A 87 4.66 -1.77 -5.35
C ILE A 87 4.09 -0.56 -4.61
N MET A 88 3.27 0.22 -5.30
CA MET A 88 2.58 1.39 -4.70
C MET A 88 1.28 0.93 -4.04
N ALA A 89 1.17 1.14 -2.72
CA ALA A 89 -0.08 0.90 -1.96
C ALA A 89 -1.17 1.86 -2.45
N PRO A 90 -2.46 1.47 -2.31
CA PRO A 90 -3.58 2.40 -2.56
C PRO A 90 -3.65 3.42 -1.43
N VAL A 91 -3.53 4.70 -1.80
CA VAL A 91 -3.56 5.87 -0.88
C VAL A 91 -4.50 6.91 -1.49
N ALA A 92 -5.51 7.35 -0.73
CA ALA A 92 -6.52 8.32 -1.18
C ALA A 92 -5.88 9.66 -1.56
N ALA A 93 -6.52 10.39 -2.47
CA ALA A 93 -6.44 11.87 -2.57
C ALA A 93 -4.99 12.36 -2.66
N HIS A 94 -4.25 11.96 -3.70
CA HIS A 94 -2.85 12.41 -3.89
C HIS A 94 -2.79 13.93 -4.09
N GLY A 95 -3.91 14.57 -4.45
CA GLY A 95 -4.02 16.04 -4.55
C GLY A 95 -3.73 16.74 -3.23
N LEU A 96 -3.79 16.02 -2.11
CA LEU A 96 -3.38 16.57 -0.79
C LEU A 96 -1.88 16.84 -0.79
N ALA A 97 -1.10 16.11 -1.59
CA ALA A 97 0.37 16.09 -1.53
C ALA A 97 0.96 16.91 -2.68
N HIS A 98 0.43 16.76 -3.90
CA HIS A 98 0.97 17.41 -5.12
C HIS A 98 -0.17 17.81 -6.06
N GLU A 99 -0.05 18.98 -6.68
CA GLU A 99 -1.03 19.52 -7.65
C GLU A 99 -1.33 18.49 -8.75
N GLN A 100 -0.33 17.73 -9.20
CA GLN A 100 -0.48 16.76 -10.32
C GLN A 100 -1.04 15.42 -9.82
N ALA A 101 -1.16 15.26 -8.50
CA ALA A 101 -1.93 14.16 -7.86
C ALA A 101 -1.57 12.81 -8.47
N GLU A 102 -2.55 11.97 -8.80
CA GLU A 102 -2.33 10.57 -9.22
C GLU A 102 -1.74 10.52 -10.64
N LYS A 103 -1.85 11.60 -11.42
CA LYS A 103 -1.16 11.65 -12.74
C LYS A 103 0.35 11.58 -12.48
N ALA A 104 0.86 12.36 -11.53
CA ALA A 104 2.30 12.36 -11.20
C ALA A 104 2.70 11.01 -10.58
N SER A 105 1.91 10.47 -9.65
CA SER A 105 2.26 9.22 -8.95
C SER A 105 2.21 8.04 -9.94
N ALA A 106 1.18 7.94 -10.78
CA ALA A 106 1.06 6.82 -11.76
C ALA A 106 2.21 6.89 -12.77
N LYS A 107 2.59 8.08 -13.23
CA LYS A 107 3.69 8.22 -14.22
C LYS A 107 5.01 7.78 -13.56
N GLY A 108 5.30 8.24 -12.34
CA GLY A 108 6.55 7.91 -11.65
C GLY A 108 6.68 6.42 -11.36
N VAL A 109 5.61 5.78 -10.89
CA VAL A 109 5.62 4.34 -10.57
C VAL A 109 5.74 3.53 -11.87
N SER A 110 5.07 3.96 -12.94
CA SER A 110 5.22 3.33 -14.28
C SER A 110 6.69 3.38 -14.72
N GLU A 111 7.34 4.53 -14.56
CA GLU A 111 8.73 4.76 -15.02
C GLU A 111 9.70 3.92 -14.17
N PHE A 112 9.42 3.76 -12.88
CA PHE A 112 10.24 2.87 -12.00
C PHE A 112 10.09 1.44 -12.51
N GLY A 113 8.87 1.05 -12.91
CA GLY A 113 8.58 -0.26 -13.51
C GLY A 113 8.00 -1.23 -12.50
N THR A 114 6.92 -0.84 -11.83
CA THR A 114 6.23 -1.76 -10.88
C THR A 114 4.73 -1.49 -10.87
N ILE A 115 4.01 -2.30 -10.10
CA ILE A 115 2.53 -2.22 -9.95
C ILE A 115 2.14 -0.94 -9.22
N TYR A 116 1.14 -0.25 -9.77
CA TYR A 116 0.47 0.91 -9.15
C TYR A 116 -0.93 0.49 -8.71
N THR A 117 -1.25 0.61 -7.42
CA THR A 117 -2.61 0.32 -6.91
C THR A 117 -3.40 1.63 -6.78
N ALA A 118 -4.42 1.84 -7.60
CA ALA A 118 -5.25 3.05 -7.60
C ALA A 118 -6.29 2.96 -6.47
N SER A 119 -6.45 4.03 -5.70
CA SER A 119 -7.46 4.16 -4.61
C SER A 119 -8.83 4.54 -5.21
N SER A 120 -9.92 3.94 -4.70
CA SER A 120 -11.31 4.37 -4.99
C SER A 120 -11.49 5.86 -4.66
N TYR A 121 -10.71 6.39 -3.72
CA TYR A 121 -10.85 7.78 -3.21
C TYR A 121 -9.81 8.71 -3.87
N ALA A 122 -9.33 8.35 -5.06
CA ALA A 122 -8.37 9.17 -5.85
C ALA A 122 -8.95 10.56 -6.15
N SER A 123 -8.07 11.56 -6.29
CA SER A 123 -8.40 12.94 -6.76
C SER A 123 -8.62 12.97 -8.28
N CYS A 124 -8.12 11.97 -9.01
CA CYS A 124 -8.23 11.87 -10.50
C CYS A 124 -9.16 10.70 -10.87
N THR A 125 -9.65 10.68 -12.11
CA THR A 125 -10.39 9.53 -12.67
C THR A 125 -9.42 8.37 -12.91
N LEU A 126 -9.94 7.14 -12.99
CA LEU A 126 -9.11 5.97 -13.37
C LEU A 126 -8.64 6.14 -14.81
N GLU A 127 -9.43 6.82 -15.65
CA GLU A 127 -9.03 7.11 -17.06
C GLU A 127 -7.73 7.94 -17.06
N GLU A 128 -7.64 8.95 -16.19
CA GLU A 128 -6.45 9.83 -16.10
C GLU A 128 -5.26 9.00 -15.57
N ILE A 129 -5.51 8.12 -14.60
CA ILE A 129 -4.46 7.26 -13.99
C ILE A 129 -3.90 6.32 -15.08
N ARG A 130 -4.76 5.67 -15.85
CA ARG A 130 -4.32 4.78 -16.96
C ARG A 130 -3.56 5.62 -18.00
N ALA A 131 -4.08 6.78 -18.40
CA ALA A 131 -3.43 7.64 -19.43
C ALA A 131 -2.03 8.06 -18.96
N ALA A 132 -1.87 8.41 -17.68
CA ALA A 132 -0.61 8.94 -17.12
C ALA A 132 0.45 7.82 -17.03
N GLY A 133 0.03 6.60 -16.70
CA GLY A 133 0.92 5.44 -16.56
C GLY A 133 1.36 4.90 -17.92
N GLY A 134 0.49 5.05 -18.92
CA GLY A 134 0.69 4.43 -20.25
C GLY A 134 0.04 3.06 -20.33
N PRO A 135 -0.22 2.53 -21.54
CA PRO A 135 -0.99 1.30 -21.70
C PRO A 135 -0.30 0.02 -21.19
N GLU A 136 1.03 0.02 -21.03
CA GLU A 136 1.79 -1.18 -20.59
C GLU A 136 2.06 -1.11 -19.08
N ALA A 137 1.67 -0.04 -18.39
CA ALA A 137 1.86 0.09 -16.93
C ALA A 137 0.97 -0.90 -16.20
N PRO A 138 1.53 -1.77 -15.32
CA PRO A 138 0.71 -2.68 -14.51
C PRO A 138 -0.03 -1.88 -13.43
N GLN A 139 -1.36 -1.92 -13.46
CA GLN A 139 -2.22 -1.17 -12.51
C GLN A 139 -3.27 -2.13 -11.93
N TRP A 140 -3.48 -2.03 -10.62
CA TRP A 140 -4.54 -2.75 -9.87
C TRP A 140 -5.55 -1.71 -9.39
N PHE A 141 -6.78 -2.14 -9.11
CA PHE A 141 -7.86 -1.25 -8.65
C PHE A 141 -8.26 -1.64 -7.23
N GLN A 142 -8.11 -0.69 -6.29
CA GLN A 142 -8.57 -0.85 -4.89
C GLN A 142 -10.00 -0.34 -4.80
N PHE A 143 -10.88 -1.19 -4.28
CA PHE A 143 -12.35 -1.04 -4.28
C PHE A 143 -12.83 -0.72 -2.86
N TYR A 144 -13.37 0.49 -2.66
CA TYR A 144 -14.28 0.83 -1.55
C TYR A 144 -15.69 0.71 -2.12
N MET A 145 -16.39 -0.36 -1.73
CA MET A 145 -17.69 -0.74 -2.33
C MET A 145 -18.79 0.22 -1.87
N SER A 146 -19.76 0.42 -2.74
CA SER A 146 -21.04 1.10 -2.46
C SER A 146 -21.97 0.16 -1.69
N LYS A 147 -22.97 0.71 -1.00
CA LYS A 147 -24.12 -0.07 -0.49
C LYS A 147 -25.02 -0.48 -1.66
N ASP A 148 -24.87 0.13 -2.83
CA ASP A 148 -25.76 -0.09 -4.01
C ASP A 148 -25.06 -1.00 -5.02
N ASP A 149 -25.64 -2.16 -5.34
CA ASP A 149 -24.97 -3.15 -6.21
C ASP A 149 -24.94 -2.64 -7.66
N GLY A 150 -25.90 -1.82 -8.08
CA GLY A 150 -25.87 -1.17 -9.41
C GLY A 150 -24.60 -0.34 -9.57
N ILE A 151 -24.31 0.48 -8.56
CA ILE A 151 -23.09 1.35 -8.53
C ILE A 151 -21.86 0.43 -8.54
N ASN A 152 -21.89 -0.69 -7.81
CA ASN A 152 -20.73 -1.62 -7.71
C ASN A 152 -20.47 -2.23 -9.09
N LEU A 153 -21.52 -2.63 -9.83
CA LEU A 153 -21.34 -3.20 -11.19
C LEU A 153 -20.70 -2.13 -12.09
N ASP A 154 -21.17 -0.88 -12.00
CA ASP A 154 -20.66 0.26 -12.82
C ASP A 154 -19.17 0.45 -12.53
N ILE A 155 -18.77 0.44 -11.26
CA ILE A 155 -17.35 0.69 -10.87
C ILE A 155 -16.47 -0.46 -11.37
N LEU A 156 -16.93 -1.71 -11.27
CA LEU A 156 -16.17 -2.89 -11.75
C LEU A 156 -16.01 -2.83 -13.28
N GLU A 157 -17.05 -2.43 -14.01
CA GLU A 157 -16.97 -2.37 -15.49
C GLU A 157 -15.95 -1.28 -15.86
N MET A 158 -15.92 -0.21 -15.08
CA MET A 158 -15.00 0.91 -15.27
C MET A 158 -13.55 0.45 -15.03
N ALA A 159 -13.30 -0.36 -13.99
CA ALA A 159 -11.95 -0.92 -13.70
C ALA A 159 -11.49 -1.79 -14.86
N LYS A 160 -12.37 -2.65 -15.39
CA LYS A 160 -12.12 -3.52 -16.57
C LYS A 160 -11.71 -2.68 -17.77
N ARG A 161 -12.49 -1.64 -18.10
CA ARG A 161 -12.24 -0.75 -19.28
C ARG A 161 -10.83 -0.17 -19.20
N ASN A 162 -10.36 0.11 -17.98
CA ASN A 162 -9.07 0.81 -17.74
C ASN A 162 -7.94 -0.21 -17.55
N GLY A 163 -8.21 -1.49 -17.78
CA GLY A 163 -7.19 -2.57 -17.83
C GLY A 163 -6.61 -2.91 -16.45
N ALA A 164 -7.37 -2.74 -15.37
CA ALA A 164 -6.99 -3.24 -14.03
C ALA A 164 -6.68 -4.74 -14.16
N LYS A 165 -5.60 -5.23 -13.53
CA LYS A 165 -5.19 -6.66 -13.61
C LYS A 165 -5.63 -7.41 -12.34
N ALA A 166 -6.05 -6.69 -11.30
CA ALA A 166 -6.58 -7.27 -10.05
C ALA A 166 -7.49 -6.25 -9.38
N VAL A 167 -8.42 -6.76 -8.57
CA VAL A 167 -9.29 -5.91 -7.70
C VAL A 167 -8.87 -6.18 -6.26
N VAL A 168 -8.52 -5.10 -5.55
CA VAL A 168 -8.13 -5.16 -4.12
C VAL A 168 -9.31 -4.69 -3.30
N LEU A 169 -10.01 -5.61 -2.65
CA LEU A 169 -11.14 -5.29 -1.75
C LEU A 169 -10.57 -4.93 -0.38
N THR A 170 -10.54 -3.63 -0.06
CA THR A 170 -10.09 -3.17 1.28
C THR A 170 -11.22 -3.45 2.28
N ALA A 171 -10.95 -4.28 3.28
CA ALA A 171 -11.98 -4.82 4.19
C ALA A 171 -11.77 -4.36 5.63
N ASP A 172 -10.70 -3.61 5.93
CA ASP A 172 -10.34 -3.22 7.32
C ASP A 172 -10.70 -1.75 7.61
N ALA A 173 -11.51 -1.09 6.78
CA ALA A 173 -11.93 0.31 6.99
C ALA A 173 -13.44 0.47 6.76
N THR A 174 -14.25 -0.46 7.25
CA THR A 174 -15.73 -0.42 7.13
C THR A 174 -16.25 0.84 7.84
N VAL A 175 -15.56 1.26 8.91
CA VAL A 175 -15.65 2.65 9.46
C VAL A 175 -14.24 3.17 9.67
N GLY A 176 -14.09 4.49 9.80
CA GLY A 176 -12.80 5.14 10.08
C GLY A 176 -12.38 4.91 11.51
N GLY A 177 -11.07 4.81 11.75
CA GLY A 177 -10.50 4.81 13.11
C GLY A 177 -10.66 6.15 13.80
N ASN A 178 -10.29 6.21 15.08
CA ASN A 178 -10.38 7.42 15.93
C ASN A 178 -9.10 8.24 15.69
N ARG A 179 -9.04 8.93 14.56
CA ARG A 179 -7.83 9.67 14.10
C ARG A 179 -7.87 11.08 14.70
N GLU A 180 -7.28 11.25 15.87
CA GLU A 180 -7.51 12.45 16.71
C GLU A 180 -6.77 13.67 16.11
N THR A 181 -5.78 13.48 15.24
CA THR A 181 -5.12 14.62 14.55
C THR A 181 -6.12 15.27 13.59
N ASP A 182 -6.89 14.47 12.86
CA ASP A 182 -7.95 14.95 11.95
C ASP A 182 -8.98 15.74 12.76
N ARG A 183 -9.35 15.25 13.95
CA ARG A 183 -10.33 15.91 14.84
C ARG A 183 -9.75 17.27 15.29
N ARG A 184 -8.51 17.30 15.79
CA ARG A 184 -7.85 18.54 16.25
C ARG A 184 -7.78 19.56 15.10
N ASN A 185 -7.58 19.10 13.86
CA ASN A 185 -7.35 19.98 12.69
C ASN A 185 -8.69 20.40 12.05
N GLY A 186 -9.81 19.77 12.42
CA GLY A 186 -11.09 19.94 11.71
C GLY A 186 -10.93 19.60 10.24
N PHE A 187 -10.21 18.53 9.93
CA PHE A 187 -9.85 18.14 8.56
C PHE A 187 -11.13 17.84 7.75
N THR A 188 -11.20 18.39 6.53
CA THR A 188 -12.14 17.93 5.47
C THR A 188 -11.38 17.86 4.14
N PHE A 189 -11.80 16.96 3.25
CA PHE A 189 -11.19 16.76 1.92
C PHE A 189 -11.43 18.00 1.07
N PRO A 190 -10.38 18.49 0.36
CA PRO A 190 -10.51 19.67 -0.48
C PRO A 190 -10.96 19.40 -1.93
N LEU A 191 -10.90 18.14 -2.37
CA LEU A 191 -11.09 17.77 -3.80
C LEU A 191 -12.16 16.70 -3.95
N PRO A 192 -12.75 16.59 -5.16
CA PRO A 192 -13.69 15.52 -5.45
C PRO A 192 -13.02 14.14 -5.42
N MET A 193 -13.84 13.10 -5.44
CA MET A 193 -13.42 11.69 -5.56
C MET A 193 -14.19 11.08 -6.74
N PRO A 194 -13.73 11.34 -7.99
CA PRO A 194 -14.53 11.04 -9.18
C PRO A 194 -14.91 9.56 -9.35
N ILE A 195 -14.08 8.63 -8.89
CA ILE A 195 -14.33 7.18 -9.10
C ILE A 195 -15.61 6.79 -8.35
N VAL A 196 -15.83 7.38 -7.17
CA VAL A 196 -16.98 7.01 -6.29
C VAL A 196 -18.05 8.13 -6.30
N GLN A 197 -18.04 9.01 -7.31
CA GLN A 197 -18.91 10.21 -7.37
C GLN A 197 -20.40 9.80 -7.29
N ALA A 198 -20.76 8.57 -7.68
CA ALA A 198 -22.16 8.09 -7.62
C ALA A 198 -22.67 8.03 -6.17
N TYR A 199 -21.77 7.93 -5.17
CA TYR A 199 -22.19 7.84 -3.75
C TYR A 199 -21.43 8.80 -2.82
N GLN A 200 -20.37 9.48 -3.30
CA GLN A 200 -19.51 10.34 -2.44
C GLN A 200 -18.95 11.52 -3.25
N SER A 201 -19.17 12.76 -2.76
CA SER A 201 -18.78 14.02 -3.44
C SER A 201 -17.38 14.49 -3.04
N GLY A 202 -16.87 14.02 -1.89
CA GLY A 202 -15.52 14.32 -1.40
C GLY A 202 -15.39 15.70 -0.76
N VAL A 203 -15.67 16.78 -1.52
CA VAL A 203 -15.34 18.18 -1.13
C VAL A 203 -16.07 18.53 0.17
N GLY A 204 -15.30 18.96 1.19
CA GLY A 204 -15.83 19.46 2.48
C GLY A 204 -16.30 18.34 3.39
N GLN A 205 -16.04 17.08 3.04
CA GLN A 205 -16.50 15.90 3.81
C GLN A 205 -15.41 15.49 4.82
N THR A 206 -15.80 15.03 6.00
CA THR A 206 -14.86 14.50 7.01
C THR A 206 -14.41 13.10 6.58
N MET A 207 -13.26 12.66 7.08
CA MET A 207 -12.72 11.28 6.97
CA MET A 207 -12.80 11.27 6.81
C MET A 207 -13.82 10.28 7.40
N ASP A 208 -14.43 10.55 8.56
CA ASP A 208 -15.45 9.65 9.16
C ASP A 208 -16.63 9.51 8.18
N ALA A 209 -17.10 10.62 7.62
CA ALA A 209 -18.27 10.64 6.71
C ALA A 209 -17.98 9.81 5.45
N VAL A 210 -16.76 9.92 4.90
CA VAL A 210 -16.42 9.25 3.61
C VAL A 210 -16.48 7.74 3.80
N TYR A 211 -15.80 7.18 4.81
CA TYR A 211 -15.82 5.71 5.07
C TYR A 211 -17.26 5.25 5.30
N LYS A 212 -18.07 6.04 6.02
CA LYS A 212 -19.46 5.63 6.38
C LYS A 212 -20.35 5.64 5.12
N SER A 213 -19.97 6.34 4.05
CA SER A 213 -20.73 6.36 2.77
C SER A 213 -20.51 5.06 1.99
N SER A 214 -19.39 4.38 2.20
CA SER A 214 -19.06 3.06 1.59
C SER A 214 -19.79 1.93 2.35
N LYS A 215 -19.57 0.67 1.96
CA LYS A 215 -20.29 -0.49 2.54
C LYS A 215 -19.67 -0.93 3.87
N GLN A 216 -20.47 -0.99 4.94
CA GLN A 216 -20.01 -1.51 6.26
C GLN A 216 -20.12 -3.05 6.29
N LYS A 217 -21.20 -3.61 5.76
CA LYS A 217 -21.55 -5.04 5.98
C LYS A 217 -20.85 -5.94 4.95
N LEU A 218 -19.55 -5.72 4.73
CA LEU A 218 -18.72 -6.58 3.85
C LEU A 218 -18.77 -8.03 4.38
N SER A 219 -18.83 -8.99 3.47
CA SER A 219 -18.91 -10.44 3.75
C SER A 219 -18.31 -11.20 2.57
N PRO A 220 -18.14 -12.53 2.71
CA PRO A 220 -17.65 -13.36 1.61
C PRO A 220 -18.49 -13.23 0.33
N LYS A 221 -19.79 -12.90 0.47
CA LYS A 221 -20.69 -12.70 -0.70
C LYS A 221 -20.12 -11.59 -1.60
N ASP A 222 -19.41 -10.62 -1.04
CA ASP A 222 -18.85 -9.48 -1.82
C ASP A 222 -17.71 -9.97 -2.73
N ILE A 223 -16.91 -10.95 -2.29
CA ILE A 223 -15.85 -11.54 -3.16
C ILE A 223 -16.53 -12.23 -4.34
N GLU A 224 -17.58 -13.01 -4.07
CA GLU A 224 -18.32 -13.76 -5.10
C GLU A 224 -18.91 -12.76 -6.10
N PHE A 225 -19.44 -11.63 -5.62
CA PHE A 225 -20.03 -10.58 -6.48
C PHE A 225 -18.94 -10.06 -7.44
N ILE A 226 -17.75 -9.76 -6.91
CA ILE A 226 -16.66 -9.18 -7.74
C ILE A 226 -16.22 -10.21 -8.79
N THR A 227 -16.05 -11.47 -8.39
CA THR A 227 -15.66 -12.56 -9.31
C THR A 227 -16.69 -12.66 -10.45
N THR A 228 -17.97 -12.74 -10.09
CA THR A 228 -19.10 -12.92 -11.05
C THR A 228 -19.06 -11.82 -12.11
N HIS A 229 -18.80 -10.57 -11.71
CA HIS A 229 -19.06 -9.38 -12.57
C HIS A 229 -17.78 -8.80 -13.17
N SER A 230 -16.58 -9.25 -12.78
CA SER A 230 -15.32 -8.66 -13.32
C SER A 230 -14.38 -9.73 -13.91
N GLU A 231 -14.42 -10.97 -13.43
CA GLU A 231 -13.50 -12.01 -13.94
C GLU A 231 -12.04 -11.67 -13.62
N LEU A 232 -11.79 -10.72 -12.72
CA LEU A 232 -10.42 -10.33 -12.29
C LEU A 232 -10.09 -10.99 -10.96
N PRO A 233 -8.82 -11.36 -10.71
CA PRO A 233 -8.42 -11.89 -9.42
C PRO A 233 -8.70 -10.87 -8.30
N VAL A 234 -9.25 -11.36 -7.19
CA VAL A 234 -9.60 -10.53 -6.00
C VAL A 234 -8.59 -10.79 -4.89
N TYR A 235 -7.97 -9.71 -4.41
CA TYR A 235 -7.12 -9.68 -3.20
C TYR A 235 -7.95 -9.10 -2.04
N VAL A 236 -7.93 -9.74 -0.88
CA VAL A 236 -8.57 -9.16 0.33
C VAL A 236 -7.48 -8.45 1.14
N LYS A 237 -7.68 -7.15 1.39
CA LYS A 237 -6.67 -6.28 2.07
C LYS A 237 -7.10 -6.02 3.51
N GLY A 238 -6.15 -6.18 4.45
CA GLY A 238 -6.39 -6.08 5.91
C GLY A 238 -6.36 -7.43 6.61
N VAL A 239 -5.89 -8.49 5.94
CA VAL A 239 -5.92 -9.88 6.50
C VAL A 239 -4.76 -10.05 7.51
N GLN A 240 -5.06 -10.37 8.77
CA GLN A 240 -4.02 -10.49 9.82
C GLN A 240 -4.17 -11.78 10.65
N SER A 241 -5.01 -12.73 10.26
CA SER A 241 -5.20 -14.01 11.00
C SER A 241 -5.61 -15.17 10.08
N GLU A 242 -5.42 -16.37 10.59
CA GLU A 242 -5.76 -17.65 9.91
CA GLU A 242 -5.77 -17.65 9.92
C GLU A 242 -7.25 -17.64 9.54
N ASP A 243 -8.13 -17.27 10.48
CA ASP A 243 -9.60 -17.24 10.27
CA ASP A 243 -9.60 -17.22 10.29
C ASP A 243 -9.92 -16.39 9.03
N ASP A 244 -9.26 -15.24 8.89
CA ASP A 244 -9.51 -14.27 7.79
C ASP A 244 -9.00 -14.87 6.47
N VAL A 245 -7.90 -15.61 6.50
CA VAL A 245 -7.38 -16.31 5.29
C VAL A 245 -8.44 -17.31 4.81
N TYR A 246 -8.93 -18.17 5.70
CA TYR A 246 -9.86 -19.27 5.31
C TYR A 246 -11.17 -18.65 4.80
N ARG A 247 -11.71 -17.61 5.47
CA ARG A 247 -12.93 -16.89 5.01
C ARG A 247 -12.71 -16.37 3.57
N SER A 248 -11.55 -15.77 3.31
CA SER A 248 -11.22 -15.14 2.00
C SER A 248 -11.09 -16.21 0.91
N LEU A 249 -10.29 -17.26 1.15
CA LEU A 249 -10.00 -18.29 0.12
C LEU A 249 -11.28 -19.11 -0.16
N ASP A 250 -12.08 -19.40 0.88
CA ASP A 250 -13.31 -20.21 0.75
C ASP A 250 -14.31 -19.46 -0.16
N ALA A 251 -14.22 -18.13 -0.19
CA ALA A 251 -15.12 -17.25 -1.00
C ALA A 251 -14.55 -17.00 -2.40
N GLY A 252 -13.35 -17.50 -2.71
CA GLY A 252 -12.76 -17.45 -4.06
C GLY A 252 -11.71 -16.37 -4.24
N ALA A 253 -11.17 -15.78 -3.17
CA ALA A 253 -10.07 -14.80 -3.26
C ALA A 253 -8.87 -15.48 -3.93
N GLN A 254 -8.15 -14.77 -4.79
CA GLN A 254 -6.94 -15.30 -5.48
C GLN A 254 -5.69 -14.56 -4.99
N GLY A 255 -5.81 -13.80 -3.89
CA GLY A 255 -4.67 -13.10 -3.26
C GLY A 255 -5.00 -12.61 -1.87
N ILE A 256 -3.97 -12.47 -1.03
CA ILE A 256 -4.10 -12.01 0.37
C ILE A 256 -3.14 -10.83 0.57
N TRP A 257 -3.66 -9.72 1.09
CA TRP A 257 -2.89 -8.48 1.34
C TRP A 257 -2.87 -8.21 2.85
N VAL A 258 -1.74 -8.54 3.46
CA VAL A 258 -1.50 -8.38 4.92
C VAL A 258 -1.20 -6.92 5.21
N SER A 259 -1.96 -6.31 6.11
CA SER A 259 -1.94 -4.84 6.37
C SER A 259 -2.68 -4.58 7.68
N ASN A 260 -2.32 -3.51 8.40
CA ASN A 260 -3.23 -2.91 9.41
C ASN A 260 -3.51 -1.46 9.02
N HIS A 261 -3.45 -1.15 7.72
CA HIS A 261 -3.85 0.19 7.21
C HIS A 261 -2.90 1.25 7.80
N GLY A 262 -1.61 0.93 7.97
CA GLY A 262 -0.60 1.88 8.46
C GLY A 262 -0.93 2.42 9.84
N GLY A 263 -1.57 1.61 10.69
CA GLY A 263 -1.90 2.00 12.07
C GLY A 263 -2.97 3.09 12.14
N ARG A 264 -3.78 3.22 11.09
CA ARG A 264 -4.79 4.30 10.98
C ARG A 264 -6.17 3.83 11.44
N GLN A 265 -6.33 2.55 11.80
CA GLN A 265 -7.68 1.95 11.99
C GLN A 265 -7.90 1.51 13.45
N LEU A 266 -7.59 0.26 13.82
CA LEU A 266 -7.93 -0.26 15.17
C LEU A 266 -6.69 -0.21 16.08
N ASP A 267 -6.56 0.86 16.86
CA ASP A 267 -5.44 0.98 17.84
C ASP A 267 -5.63 -0.09 18.92
N GLY A 268 -4.54 -0.76 19.29
CA GLY A 268 -4.56 -1.89 20.24
C GLY A 268 -4.53 -3.23 19.53
N GLY A 269 -4.46 -3.21 18.19
CA GLY A 269 -4.23 -4.41 17.38
C GLY A 269 -2.74 -4.67 17.17
N PRO A 270 -2.38 -5.85 16.61
CA PRO A 270 -0.98 -6.20 16.36
C PRO A 270 -0.32 -5.36 15.27
N ALA A 271 1.01 -5.32 15.26
CA ALA A 271 1.83 -4.85 14.13
C ALA A 271 1.64 -5.81 12.94
N SER A 272 1.57 -5.27 11.73
CA SER A 272 1.32 -6.09 10.51
CA SER A 272 1.36 -6.04 10.48
C SER A 272 2.45 -7.12 10.33
N PHE A 273 3.71 -6.74 10.57
CA PHE A 273 4.83 -7.67 10.34
C PHE A 273 4.70 -8.90 11.24
N ASP A 274 4.20 -8.74 12.48
CA ASP A 274 3.98 -9.89 13.39
C ASP A 274 2.85 -10.78 12.84
N SER A 275 1.77 -10.18 12.33
CA SER A 275 0.61 -10.90 11.75
C SER A 275 1.03 -11.71 10.52
N LEU A 276 2.01 -11.22 9.76
CA LEU A 276 2.46 -11.87 8.50
C LEU A 276 2.82 -13.34 8.78
N ARG A 277 3.45 -13.66 9.91
CA ARG A 277 3.83 -15.06 10.21
C ARG A 277 2.58 -15.94 10.25
N TYR A 278 1.53 -15.51 10.95
CA TYR A 278 0.28 -16.30 11.10
C TYR A 278 -0.38 -16.46 9.73
N VAL A 279 -0.40 -15.40 8.94
CA VAL A 279 -1.08 -15.41 7.61
C VAL A 279 -0.30 -16.32 6.64
N ALA A 280 1.03 -16.20 6.60
CA ALA A 280 1.87 -17.00 5.69
C ALA A 280 1.66 -18.50 5.97
N GLU A 281 1.59 -18.89 7.25
CA GLU A 281 1.39 -20.31 7.65
C GLU A 281 0.04 -20.81 7.10
N ALA A 282 -1.03 -20.02 7.25
CA ALA A 282 -2.40 -20.38 6.82
C ALA A 282 -2.48 -20.46 5.30
N VAL A 283 -1.87 -19.53 4.59
CA VAL A 283 -1.93 -19.45 3.09
C VAL A 283 -1.15 -20.64 2.51
N ASP A 284 0.00 -20.99 3.10
CA ASP A 284 0.82 -22.15 2.66
C ASP A 284 1.04 -22.09 1.14
N LYS A 285 1.38 -20.91 0.63
CA LYS A 285 1.78 -20.64 -0.78
C LYS A 285 0.63 -20.95 -1.76
N ARG A 286 -0.62 -21.00 -1.30
CA ARG A 286 -1.77 -21.34 -2.18
C ARG A 286 -2.11 -20.16 -3.11
N VAL A 287 -1.89 -18.93 -2.62
CA VAL A 287 -2.09 -17.69 -3.40
C VAL A 287 -0.96 -16.72 -3.05
N PRO A 288 -0.73 -15.69 -3.91
CA PRO A 288 0.25 -14.66 -3.60
C PRO A 288 -0.13 -13.84 -2.35
N ILE A 289 0.89 -13.35 -1.65
CA ILE A 289 0.75 -12.45 -0.47
C ILE A 289 1.42 -11.10 -0.78
N VAL A 290 0.68 -10.02 -0.60
CA VAL A 290 1.22 -8.63 -0.54
C VAL A 290 1.28 -8.24 0.94
N PHE A 291 2.32 -7.49 1.32
CA PHE A 291 2.53 -7.04 2.71
C PHE A 291 2.74 -5.53 2.74
N ASP A 292 2.16 -4.85 3.73
CA ASP A 292 2.48 -3.41 4.00
C ASP A 292 2.31 -3.09 5.50
N SER A 293 2.71 -1.86 5.84
CA SER A 293 2.48 -1.10 7.09
C SER A 293 3.81 -0.98 7.87
N GLY A 294 4.46 0.17 7.78
CA GLY A 294 5.67 0.53 8.56
C GLY A 294 6.97 0.38 7.79
N VAL A 295 6.92 0.04 6.51
CA VAL A 295 8.16 -0.23 5.70
C VAL A 295 8.91 1.09 5.46
N ARG A 296 10.14 1.20 5.97
CA ARG A 296 10.95 2.45 5.85
C ARG A 296 12.38 2.14 5.42
N ARG A 297 12.76 0.85 5.31
CA ARG A 297 14.14 0.41 4.97
C ARG A 297 14.11 -0.82 4.07
N GLY A 298 15.17 -1.01 3.27
CA GLY A 298 15.38 -2.25 2.50
C GLY A 298 15.32 -3.49 3.38
N GLN A 299 15.85 -3.44 4.61
CA GLN A 299 15.90 -4.63 5.51
C GLN A 299 14.46 -5.02 5.85
N HIS A 300 13.53 -4.08 5.92
CA HIS A 300 12.10 -4.37 6.21
C HIS A 300 11.49 -5.17 5.05
N ILE A 301 11.79 -4.77 3.81
CA ILE A 301 11.30 -5.48 2.59
C ILE A 301 11.89 -6.91 2.59
N PHE A 302 13.20 -7.04 2.80
CA PHE A 302 13.88 -8.36 2.84
C PHE A 302 13.18 -9.26 3.86
N LYS A 303 12.98 -8.76 5.08
CA LYS A 303 12.42 -9.56 6.19
C LYS A 303 10.99 -10.00 5.85
N ALA A 304 10.18 -9.13 5.25
CA ALA A 304 8.79 -9.46 4.85
C ALA A 304 8.79 -10.60 3.82
N ILE A 305 9.65 -10.52 2.80
CA ILE A 305 9.72 -11.56 1.73
C ILE A 305 10.25 -12.87 2.33
N ALA A 306 11.24 -12.84 3.21
CA ALA A 306 11.78 -14.04 3.89
C ALA A 306 10.68 -14.69 4.74
N SER A 307 9.69 -13.91 5.15
CA SER A 307 8.61 -14.34 6.09
C SER A 307 7.32 -14.72 5.35
N GLY A 308 7.33 -14.72 4.01
CA GLY A 308 6.20 -15.25 3.21
C GLY A 308 5.56 -14.24 2.26
N ALA A 309 5.99 -12.98 2.26
CA ALA A 309 5.45 -11.97 1.29
C ALA A 309 6.03 -12.24 -0.10
N ASP A 310 5.22 -12.06 -1.15
CA ASP A 310 5.70 -12.11 -2.56
C ASP A 310 5.98 -10.68 -3.04
N LEU A 311 5.25 -9.71 -2.54
CA LEU A 311 5.39 -8.27 -2.89
C LEU A 311 5.23 -7.44 -1.62
N VAL A 312 5.92 -6.30 -1.53
CA VAL A 312 5.81 -5.33 -0.41
C VAL A 312 5.33 -3.99 -0.95
N ALA A 313 4.29 -3.43 -0.34
CA ALA A 313 3.69 -2.14 -0.78
C ALA A 313 4.17 -0.98 0.11
N ILE A 314 4.40 0.17 -0.54
CA ILE A 314 4.88 1.44 0.07
C ILE A 314 3.71 2.43 0.12
N GLY A 315 3.52 3.06 1.28
CA GLY A 315 2.48 4.10 1.46
C GLY A 315 3.07 5.49 1.68
N ARG A 316 3.12 5.94 2.93
CA ARG A 316 3.48 7.34 3.27
C ARG A 316 4.77 7.79 2.59
N PRO A 317 5.90 7.02 2.64
CA PRO A 317 7.16 7.52 2.06
C PRO A 317 7.00 7.95 0.58
N ALA A 318 6.25 7.18 -0.22
CA ALA A 318 6.00 7.50 -1.64
C ALA A 318 5.25 8.84 -1.75
N ILE A 319 4.30 9.10 -0.85
CA ILE A 319 3.49 10.36 -0.85
C ILE A 319 4.38 11.55 -0.49
N TYR A 320 5.30 11.38 0.46
CA TYR A 320 6.24 12.48 0.84
C TYR A 320 7.14 12.82 -0.35
N GLY A 321 7.68 11.80 -1.02
CA GLY A 321 8.50 11.98 -2.24
C GLY A 321 7.71 12.73 -3.32
N LEU A 322 6.48 12.29 -3.57
CA LEU A 322 5.56 12.95 -4.54
C LEU A 322 5.41 14.43 -4.18
N SER A 323 5.17 14.76 -2.91
CA SER A 323 4.88 16.15 -2.50
C SER A 323 6.07 17.05 -2.88
N LEU A 324 7.30 16.54 -2.80
CA LEU A 324 8.53 17.37 -2.91
C LEU A 324 9.05 17.39 -4.36
N GLY A 325 8.76 16.38 -5.18
CA GLY A 325 9.42 16.22 -6.49
C GLY A 325 8.53 15.67 -7.59
N GLY A 326 7.24 15.47 -7.33
CA GLY A 326 6.32 14.94 -8.35
C GLY A 326 6.72 13.55 -8.82
N SER A 327 6.63 13.27 -10.13
CA SER A 327 6.96 11.94 -10.70
C SER A 327 8.42 11.60 -10.40
N THR A 328 9.31 12.57 -10.51
CA THR A 328 10.76 12.37 -10.24
C THR A 328 10.92 11.96 -8.78
N GLY A 329 10.26 12.67 -7.87
CA GLY A 329 10.38 12.45 -6.42
C GLY A 329 9.87 11.07 -6.01
N ILE A 330 8.70 10.67 -6.51
CA ILE A 330 8.13 9.35 -6.12
C ILE A 330 9.05 8.25 -6.67
N LYS A 331 9.59 8.39 -7.89
CA LYS A 331 10.50 7.36 -8.43
C LYS A 331 11.76 7.30 -7.55
N GLN A 332 12.25 8.43 -7.06
CA GLN A 332 13.46 8.46 -6.18
C GLN A 332 13.19 7.65 -4.91
N VAL A 333 11.96 7.66 -4.39
CA VAL A 333 11.64 6.87 -3.16
C VAL A 333 11.70 5.38 -3.51
N PHE A 334 11.11 4.94 -4.63
CA PHE A 334 11.19 3.51 -5.04
C PHE A 334 12.66 3.13 -5.27
N ASP A 335 13.45 4.02 -5.87
CA ASP A 335 14.90 3.79 -6.12
C ASP A 335 15.64 3.66 -4.78
N PHE A 336 15.27 4.45 -3.77
CA PHE A 336 15.88 4.37 -2.41
C PHE A 336 15.67 2.95 -1.87
N PHE A 337 14.46 2.42 -1.97
CA PHE A 337 14.10 1.09 -1.44
C PHE A 337 14.82 0.00 -2.25
N LYS A 338 14.91 0.13 -3.57
CA LYS A 338 15.57 -0.86 -4.44
C LYS A 338 17.07 -0.90 -4.11
N THR A 339 17.70 0.27 -3.97
CA THR A 339 19.15 0.40 -3.66
C THR A 339 19.44 -0.21 -2.29
N GLU A 340 18.62 0.10 -1.28
CA GLU A 340 18.78 -0.53 0.06
C GLU A 340 18.58 -2.06 -0.06
N LEU A 341 17.57 -2.52 -0.81
CA LEU A 341 17.32 -3.98 -0.92
C LEU A 341 18.54 -4.66 -1.55
N GLU A 342 19.16 -4.05 -2.56
CA GLU A 342 20.38 -4.60 -3.20
C GLU A 342 21.51 -4.73 -2.17
N MET A 343 21.71 -3.72 -1.32
CA MET A 343 22.73 -3.76 -0.24
C MET A 343 22.42 -4.92 0.71
N VAL A 344 21.17 -5.04 1.16
CA VAL A 344 20.77 -6.12 2.12
C VAL A 344 20.96 -7.49 1.47
N MET A 345 20.60 -7.65 0.19
CA MET A 345 20.72 -8.95 -0.52
C MET A 345 22.20 -9.37 -0.57
N GLN A 346 23.09 -8.43 -0.85
CA GLN A 346 24.55 -8.73 -0.92
C GLN A 346 25.03 -9.18 0.46
N LEU A 347 24.66 -8.46 1.52
CA LEU A 347 25.19 -8.73 2.88
C LEU A 347 24.50 -9.96 3.48
N ALA A 348 23.27 -10.29 3.07
CA ALA A 348 22.54 -11.50 3.55
C ALA A 348 22.96 -12.75 2.76
N GLY A 349 23.43 -12.58 1.52
CA GLY A 349 23.88 -13.68 0.66
C GLY A 349 22.77 -14.25 -0.24
N THR A 350 21.89 -13.39 -0.75
CA THR A 350 20.75 -13.79 -1.64
C THR A 350 20.95 -13.18 -3.04
N GLN A 351 21.17 -14.03 -4.05
CA GLN A 351 21.44 -13.57 -5.44
C GLN A 351 20.16 -13.02 -6.09
N THR A 352 19.01 -13.63 -5.81
CA THR A 352 17.74 -13.30 -6.49
C THR A 352 16.63 -13.15 -5.44
N VAL A 353 15.46 -12.67 -5.87
CA VAL A 353 14.29 -12.51 -4.96
C VAL A 353 13.85 -13.89 -4.44
N GLU A 354 13.91 -14.94 -5.27
CA GLU A 354 13.53 -16.30 -4.81
CA GLU A 354 13.56 -16.33 -4.84
C GLU A 354 14.47 -16.74 -3.68
N ASP A 355 15.74 -16.32 -3.71
CA ASP A 355 16.70 -16.67 -2.62
C ASP A 355 16.28 -15.97 -1.31
N ILE A 356 15.76 -14.75 -1.38
CA ILE A 356 15.26 -14.03 -0.17
C ILE A 356 14.19 -14.90 0.49
N LYS A 357 13.28 -15.49 -0.28
CA LYS A 357 12.13 -16.27 0.26
C LYS A 357 12.67 -17.45 1.09
N ASN A 358 13.86 -17.95 0.77
CA ASN A 358 14.45 -19.15 1.42
C ASN A 358 15.34 -18.76 2.60
N ALA A 359 15.55 -17.48 2.87
CA ALA A 359 16.35 -16.99 4.02
C ALA A 359 15.61 -17.26 5.32
N LYS A 360 16.34 -17.66 6.37
CA LYS A 360 15.79 -17.94 7.72
C LYS A 360 16.21 -16.84 8.69
N LEU A 361 15.24 -16.11 9.24
CA LEU A 361 15.48 -15.02 10.21
C LEU A 361 15.63 -15.65 11.60
N ARG A 362 16.34 -14.98 12.50
CA ARG A 362 16.47 -15.40 13.91
C ARG A 362 15.50 -14.58 14.78
N GLU A 363 14.61 -15.23 15.53
CA GLU A 363 13.68 -14.49 16.40
C GLU A 363 14.49 -13.77 17.48
N ASN A 364 14.16 -12.49 17.71
CA ASN A 364 14.80 -11.64 18.74
C ASN A 364 14.18 -11.99 20.10
N ARG A 365 14.94 -12.65 20.97
CA ARG A 365 14.49 -13.08 22.32
C ARG A 365 14.64 -11.95 23.34
N PHE A 366 15.21 -10.80 22.94
CA PHE A 366 15.54 -9.67 23.85
C PHE A 366 15.01 -8.33 23.31
N MET A 367 13.79 -8.31 22.77
CA MET A 367 13.21 -7.06 22.21
C MET A 367 12.80 -6.12 23.36
C9A FNR B . -3.99 4.95 3.17
N10 FNR B . -4.40 3.60 3.01
CAA FNR B . -5.45 3.31 2.16
N1 FNR B . -5.74 2.00 1.88
C2 FNR B . -6.71 1.66 0.97
O2 FNR B . -6.94 0.47 0.74
N3 FNR B . -7.36 2.68 0.34
C4 FNR B . -7.13 4.03 0.56
O4 FNR B . -7.78 4.87 -0.06
C4A FNR B . -6.14 4.35 1.50
N5 FNR B . -5.87 5.65 1.83
C5A FNR B . -4.75 5.97 2.59
C6 FNR B . -4.38 7.30 2.73
C7 FNR B . -3.23 7.63 3.41
C7M FNR B . -2.82 9.07 3.52
C8 FNR B . -2.43 6.60 3.99
C8M FNR B . -1.18 6.95 4.73
C9 FNR B . -2.82 5.28 3.86
C1' FNR B . -3.58 2.50 3.59
C2' FNR B . -2.41 2.10 2.67
O2' FNR B . -2.89 1.31 1.58
C3' FNR B . -1.34 1.27 3.37
O3' FNR B . -1.95 0.11 3.99
C4' FNR B . -0.49 2.01 4.40
O4' FNR B . -0.15 3.32 3.92
C5' FNR B . 0.79 1.26 4.71
O5' FNR B . 1.49 1.86 5.83
P FNR B . 2.75 2.88 5.58
O1P FNR B . 3.40 2.98 6.93
O2P FNR B . 2.19 4.20 5.13
O3P FNR B . 3.68 2.29 4.54
C LAC C . -7.24 6.36 4.76
CA LAC C . -8.53 5.75 4.21
CB LAC C . -9.13 6.59 3.09
O LAC C . -7.12 7.62 4.73
OHN LAC C . -8.28 4.46 3.69
OXT LAC C . -6.40 5.58 5.24
C PYR D . 20.38 -18.50 13.32
O PYR D . 21.62 -18.46 13.47
OXT PYR D . 19.58 -18.23 14.23
CA PYR D . 19.88 -18.82 12.13
O3 PYR D . 20.58 -19.43 11.32
CB PYR D . 18.48 -18.44 11.72
C1 PGE E . 5.65 -15.87 -11.98
O1 PGE E . 4.82 -16.57 -12.91
C2 PGE E . 5.10 -15.99 -10.55
O2 PGE E . 3.82 -15.36 -10.43
C3 PGE E . 3.33 -15.37 -9.10
C4 PGE E . 1.95 -14.72 -9.04
O4 PGE E . -0.85 -15.37 -12.18
C6 PGE E . -1.13 -15.74 -10.83
C5 PGE E . -0.26 -14.90 -9.90
O3 PGE E . 1.08 -15.39 -9.96
C TRS F . 8.29 -19.73 4.74
C1 TRS F . 9.72 -20.30 4.79
C2 TRS F . 8.25 -18.33 5.32
C3 TRS F . 7.31 -20.66 5.46
N TRS F . 7.87 -19.64 3.30
O1 TRS F . 10.65 -19.54 4.05
O2 TRS F . 8.56 -18.30 6.71
O3 TRS F . 5.99 -20.15 5.44
C1 EDO G . 19.67 -13.27 19.50
O1 EDO G . 20.35 -12.69 18.41
C2 EDO G . 18.20 -13.31 19.29
O2 EDO G . 17.52 -13.64 20.46
C1 EDO H . -14.63 7.38 17.60
O1 EDO H . -13.71 8.47 17.73
C2 EDO H . -14.70 6.84 16.22
O2 EDO H . -15.24 7.77 15.29
C1 EDO I . -1.97 11.13 19.99
O1 EDO I . -1.96 12.07 18.93
C2 EDO I . -3.29 10.88 20.64
O2 EDO I . -4.36 11.71 20.24
#